data_6UAI
#
_entry.id   6UAI
#
_cell.length_a   58.640
_cell.length_b   58.640
_cell.length_c   125.170
_cell.angle_alpha   90.000
_cell.angle_beta   90.000
_cell.angle_gamma   90.000
#
_symmetry.space_group_name_H-M   'P 41 21 2'
#
loop_
_entity.id
_entity.type
_entity.pdbx_description
1 polymer "SUBTILISIN BPN'"
2 polymer 'YSAM peptide'
3 non-polymer 'SODIUM ION'
4 non-polymer 'CHLORIDE ION'
5 non-polymer 1,2-ETHANEDIOL
6 non-polymer DI(HYDROXYETHYL)ETHER
7 water water
#
loop_
_entity_poly.entity_id
_entity_poly.type
_entity_poly.pdbx_seq_one_letter_code
_entity_poly.pdbx_strand_id
1 'polypeptide(L)'
;AKCVSYGVAQIKAPALHSQGYTGSNVKVAILDTGIDSSHPDLNVAGGASFVPSETNPFQDNSSGGTHIAGTVLAVAPSAS
LYAVKVLGADGKGQASWIINGIEWAIANNMDVINMSLGSPSGSAAVKAAVDKAVASGVVVVAAAGNSGTSGSSSTVTYPA
KYPSVIAVGAVDSSNQRAPFSSVGPELDVMAPGVSICSTLPGGKYGALSGTSMASPHVAGAAALILSKHPNWTNTQVRSS
LENTATKLGDSFYYGKGLINVEAAAQ
;
S
2 'polypeptide(L)' YSAM B
#
loop_
_chem_comp.id
_chem_comp.type
_chem_comp.name
_chem_comp.formula
CL non-polymer 'CHLORIDE ION' 'Cl -1'
EDO non-polymer 1,2-ETHANEDIOL 'C2 H6 O2'
NA non-polymer 'SODIUM ION' 'Na 1'
PEG non-polymer DI(HYDROXYETHYL)ETHER 'C4 H10 O3'
#
# COMPACT_ATOMS: atom_id res chain seq x y z
N ALA A 1 12.76 -10.94 -4.24
CA ALA A 1 13.29 -9.97 -3.26
C ALA A 1 14.58 -10.52 -2.64
N LYS A 2 15.65 -9.74 -2.74
CA LYS A 2 16.98 -10.15 -2.20
C LYS A 2 16.94 -10.20 -0.67
N CYS A 3 16.19 -9.31 -0.07
CA CYS A 3 16.13 -9.41 1.41
CA CYS A 3 16.11 -9.40 1.40
C CYS A 3 14.87 -10.06 2.08
N VAL A 4 15.23 -11.08 2.86
CA VAL A 4 14.26 -11.96 3.56
C VAL A 4 13.28 -11.17 4.42
N SER A 5 12.01 -11.44 4.19
CA SER A 5 11.00 -10.81 5.07
C SER A 5 9.88 -11.80 5.38
N TYR A 6 9.57 -11.95 6.67
CA TYR A 6 8.44 -12.82 7.10
CA TYR A 6 8.44 -12.86 7.05
C TYR A 6 7.00 -12.54 6.54
N GLY A 7 6.85 -11.27 6.14
CA GLY A 7 5.52 -10.73 5.75
C GLY A 7 4.91 -11.43 4.56
N VAL A 8 5.73 -11.78 3.59
CA VAL A 8 5.24 -12.47 2.35
C VAL A 8 4.56 -13.79 2.74
N ALA A 9 5.24 -14.62 3.52
CA ALA A 9 4.67 -15.87 3.99
C ALA A 9 3.46 -15.64 4.87
N GLN A 10 3.51 -14.59 5.70
CA GLN A 10 2.45 -14.36 6.68
C GLN A 10 1.10 -14.14 5.99
N ILE A 11 1.10 -13.48 4.81
CA ILE A 11 -0.15 -13.22 4.07
C ILE A 11 -0.50 -14.34 3.12
N LYS A 12 0.29 -15.41 3.11
CA LYS A 12 0.05 -16.63 2.29
CA LYS A 12 0.09 -16.63 2.28
C LYS A 12 0.27 -16.35 0.79
N ALA A 13 1.10 -15.38 0.49
CA ALA A 13 1.49 -15.17 -0.91
C ALA A 13 2.24 -16.32 -1.55
N PRO A 14 3.12 -17.05 -0.83
CA PRO A 14 3.83 -18.16 -1.49
C PRO A 14 2.88 -19.19 -2.08
N ALA A 15 1.69 -19.38 -1.50
CA ALA A 15 0.73 -20.35 -2.05
C ALA A 15 0.34 -19.91 -3.46
N LEU A 16 0.20 -18.60 -3.65
CA LEU A 16 -0.15 -18.06 -4.99
C LEU A 16 1.05 -18.25 -5.93
N HIS A 17 2.27 -18.03 -5.43
CA HIS A 17 3.50 -18.19 -6.25
C HIS A 17 3.63 -19.66 -6.68
N SER A 18 3.30 -20.59 -5.77
CA SER A 18 3.34 -22.05 -6.03
C SER A 18 2.33 -22.40 -7.13
N GLN A 19 1.17 -21.72 -7.13
CA GLN A 19 0.08 -21.85 -8.13
C GLN A 19 0.52 -21.30 -9.50
N GLY A 20 1.52 -20.40 -9.53
CA GLY A 20 2.02 -19.79 -10.78
C GLY A 20 1.55 -18.35 -10.93
N TYR A 21 0.95 -17.79 -9.87
CA TYR A 21 0.47 -16.39 -9.91
C TYR A 21 1.47 -15.46 -9.21
N THR A 22 1.94 -14.45 -9.95
CA THR A 22 2.90 -13.49 -9.47
C THR A 22 2.51 -12.03 -9.79
N GLY A 23 1.26 -11.79 -10.17
CA GLY A 23 0.85 -10.42 -10.45
C GLY A 23 1.20 -9.91 -11.84
N SER A 24 1.36 -10.83 -12.78
CA SER A 24 1.64 -10.45 -14.18
CA SER A 24 1.69 -10.41 -14.15
C SER A 24 0.55 -9.56 -14.74
N ASN A 25 0.98 -8.57 -15.51
CA ASN A 25 0.11 -7.64 -16.23
C ASN A 25 -0.78 -6.85 -15.30
N VAL A 26 -0.22 -6.37 -14.19
CA VAL A 26 -0.94 -5.52 -13.24
C VAL A 26 -0.11 -4.27 -13.02
N LYS A 27 -0.71 -3.10 -13.20
CA LYS A 27 -0.03 -1.82 -13.04
CA LYS A 27 -0.02 -1.81 -13.05
C LYS A 27 -0.32 -1.26 -11.66
N VAL A 28 0.73 -1.06 -10.88
CA VAL A 28 0.61 -0.61 -9.48
C VAL A 28 1.36 0.74 -9.35
N ALA A 29 0.62 1.78 -9.02
CA ALA A 29 1.19 3.11 -8.79
C ALA A 29 1.52 3.28 -7.30
N ILE A 30 2.76 3.66 -7.05
CA ILE A 30 3.28 3.91 -5.70
CA ILE A 30 3.22 3.94 -5.68
C ILE A 30 3.31 5.43 -5.54
N LEU A 31 2.32 5.98 -4.84
CA LEU A 31 2.20 7.45 -4.65
C LEU A 31 2.94 7.75 -3.35
N ASP A 32 4.19 8.21 -3.49
CA ASP A 32 5.09 8.25 -2.33
C ASP A 32 6.25 9.20 -2.64
N THR A 33 7.43 8.92 -2.13
CA THR A 33 8.61 9.80 -2.21
C THR A 33 9.42 9.55 -3.44
N GLY A 34 8.97 8.71 -4.36
CA GLY A 34 9.73 8.26 -5.52
C GLY A 34 10.07 6.80 -5.39
N ILE A 35 10.72 6.26 -6.42
CA ILE A 35 11.28 4.92 -6.37
C ILE A 35 12.69 5.02 -6.94
N ASP A 36 13.71 4.53 -6.21
CA ASP A 36 15.08 4.52 -6.76
CA ASP A 36 15.08 4.53 -6.77
C ASP A 36 15.17 3.48 -7.86
N SER A 37 14.95 3.88 -9.09
CA SER A 37 14.95 2.95 -10.21
C SER A 37 16.34 2.39 -10.51
N SER A 38 17.39 3.02 -10.00
CA SER A 38 18.73 2.49 -10.16
C SER A 38 18.99 1.31 -9.27
N HIS A 39 18.14 1.03 -8.30
CA HIS A 39 18.34 -0.13 -7.46
C HIS A 39 18.38 -1.34 -8.38
N PRO A 40 19.39 -2.24 -8.28
CA PRO A 40 19.43 -3.39 -9.18
C PRO A 40 18.22 -4.29 -9.12
N ASP A 41 17.51 -4.31 -7.98
CA ASP A 41 16.38 -5.25 -7.77
C ASP A 41 15.02 -4.65 -8.12
N LEU A 42 14.99 -3.39 -8.57
CA LEU A 42 13.72 -2.75 -8.92
C LEU A 42 13.71 -2.28 -10.36
N ASN A 43 12.68 -2.64 -11.07
CA ASN A 43 12.36 -2.13 -12.41
C ASN A 43 11.16 -1.19 -12.22
N VAL A 44 11.19 -0.09 -12.85
CA VAL A 44 10.09 0.85 -12.76
C VAL A 44 9.63 1.08 -14.18
N ALA A 45 8.36 0.91 -14.46
CA ALA A 45 7.80 0.99 -15.80
C ALA A 45 7.49 2.40 -16.25
N GLY A 46 7.34 3.34 -15.35
CA GLY A 46 6.99 4.71 -15.70
C GLY A 46 6.73 5.49 -14.43
N GLY A 47 6.33 6.74 -14.59
CA GLY A 47 6.04 7.58 -13.44
C GLY A 47 6.06 9.05 -13.75
N ALA A 48 5.96 9.82 -12.68
CA ALA A 48 5.78 11.28 -12.76
C ALA A 48 6.05 11.85 -11.37
N SER A 49 6.66 13.03 -11.32
CA SER A 49 6.75 13.77 -10.05
C SER A 49 5.86 15.00 -10.10
N PHE A 50 5.18 15.19 -8.96
CA PHE A 50 4.31 16.35 -8.71
C PHE A 50 4.82 17.20 -7.56
N VAL A 51 6.06 16.96 -7.12
CA VAL A 51 6.68 17.72 -6.02
C VAL A 51 7.58 18.77 -6.67
N PRO A 52 7.22 20.06 -6.69
CA PRO A 52 8.01 21.01 -7.51
C PRO A 52 9.47 21.09 -7.11
N SER A 53 9.80 20.85 -5.86
CA SER A 53 11.20 20.97 -5.43
CA SER A 53 11.19 20.94 -5.37
C SER A 53 11.99 19.68 -5.66
N GLU A 54 11.36 18.60 -6.12
CA GLU A 54 11.98 17.27 -6.27
C GLU A 54 11.49 16.66 -7.56
N THR A 55 12.09 17.05 -8.67
CA THR A 55 11.49 16.82 -9.97
C THR A 55 11.70 15.41 -10.54
N ASN A 56 12.41 14.51 -9.88
CA ASN A 56 12.67 13.20 -10.50
C ASN A 56 11.97 12.07 -9.70
N PRO A 57 10.93 11.45 -10.28
CA PRO A 57 10.25 10.36 -9.58
C PRO A 57 11.08 9.09 -9.45
N PHE A 58 12.15 8.97 -10.26
CA PHE A 58 12.97 7.79 -10.32
C PHE A 58 14.18 7.86 -9.42
N GLN A 59 14.19 8.86 -8.51
CA GLN A 59 15.05 8.88 -7.35
C GLN A 59 14.17 9.03 -6.13
N ASP A 60 14.74 8.70 -4.97
CA ASP A 60 14.00 8.72 -3.71
C ASP A 60 14.96 9.21 -2.64
N ASN A 61 14.73 10.42 -2.15
CA ASN A 61 15.56 11.04 -1.14
C ASN A 61 15.02 10.90 0.24
N SER A 62 13.97 10.09 0.41
N SER A 62 13.97 10.10 0.44
CA SER A 62 13.37 9.80 1.71
CA SER A 62 13.43 9.75 1.76
C SER A 62 13.71 8.34 2.14
C SER A 62 13.82 8.34 2.08
N SER A 63 13.38 7.38 1.29
CA SER A 63 13.60 5.91 1.33
CA SER A 63 13.59 5.92 1.46
C SER A 63 12.28 5.14 1.34
N GLY A 64 11.17 5.75 1.79
CA GLY A 64 9.95 4.97 1.91
C GLY A 64 9.43 4.45 0.61
N GLY A 65 9.41 5.27 -0.42
CA GLY A 65 8.84 4.82 -1.69
C GLY A 65 9.56 3.64 -2.27
N THR A 66 10.90 3.65 -2.12
CA THR A 66 11.72 2.56 -2.62
C THR A 66 11.45 1.28 -1.84
N HIS A 67 11.28 1.41 -0.54
CA HIS A 67 11.04 0.25 0.34
C HIS A 67 9.67 -0.36 0.01
N ILE A 68 8.69 0.51 -0.12
CA ILE A 68 7.31 0.12 -0.44
C ILE A 68 7.27 -0.58 -1.79
N ALA A 69 7.95 -0.02 -2.78
CA ALA A 69 8.02 -0.67 -4.09
C ALA A 69 8.56 -2.08 -3.97
N GLY A 70 9.61 -2.23 -3.20
CA GLY A 70 10.16 -3.56 -3.00
C GLY A 70 9.19 -4.51 -2.36
N THR A 71 8.39 -4.07 -1.42
CA THR A 71 7.38 -4.93 -0.80
C THR A 71 6.31 -5.33 -1.80
N VAL A 72 5.86 -4.41 -2.61
CA VAL A 72 4.90 -4.81 -3.66
C VAL A 72 5.49 -5.95 -4.48
N LEU A 73 6.74 -5.79 -4.92
CA LEU A 73 7.36 -6.85 -5.77
C LEU A 73 7.66 -8.14 -4.97
N ALA A 74 7.94 -8.05 -3.69
CA ALA A 74 8.14 -9.27 -2.91
C ALA A 74 6.85 -10.09 -2.89
N VAL A 75 5.70 -9.40 -2.78
CA VAL A 75 4.42 -10.07 -2.80
C VAL A 75 4.01 -10.49 -4.22
N ALA A 76 4.23 -9.61 -5.18
CA ALA A 76 3.78 -9.78 -6.57
C ALA A 76 4.98 -9.51 -7.48
N PRO A 77 5.85 -10.54 -7.68
CA PRO A 77 7.11 -10.31 -8.36
C PRO A 77 7.01 -9.83 -9.79
N SER A 78 5.87 -10.04 -10.44
CA SER A 78 5.66 -9.64 -11.83
C SER A 78 4.89 -8.34 -11.97
N ALA A 79 4.50 -7.69 -10.92
CA ALA A 79 3.72 -6.45 -11.06
C ALA A 79 4.57 -5.38 -11.75
N SER A 80 3.92 -4.47 -12.45
CA SER A 80 4.57 -3.32 -13.07
C SER A 80 4.45 -2.12 -12.14
N LEU A 81 5.57 -1.57 -11.70
CA LEU A 81 5.58 -0.47 -10.75
C LEU A 81 5.68 0.88 -11.47
N TYR A 82 4.93 1.83 -10.94
CA TYR A 82 4.99 3.21 -11.43
C TYR A 82 5.28 4.12 -10.26
N ALA A 83 6.30 4.96 -10.42
CA ALA A 83 6.76 5.88 -9.38
C ALA A 83 6.04 7.20 -9.51
N VAL A 84 5.18 7.53 -8.56
CA VAL A 84 4.38 8.75 -8.60
C VAL A 84 4.78 9.57 -7.38
N LYS A 85 5.64 10.56 -7.58
CA LYS A 85 6.17 11.30 -6.42
C LYS A 85 5.19 12.38 -6.02
N VAL A 86 4.62 12.21 -4.83
CA VAL A 86 3.65 13.14 -4.24
C VAL A 86 4.09 13.57 -2.84
N LEU A 87 5.21 13.05 -2.32
CA LEU A 87 5.78 13.43 -1.04
C LEU A 87 7.25 13.76 -1.30
N GLY A 88 7.77 14.72 -0.56
CA GLY A 88 9.19 15.05 -0.64
C GLY A 88 10.04 14.24 0.32
N ALA A 89 11.31 14.66 0.40
CA ALA A 89 12.32 13.88 1.10
C ALA A 89 12.05 13.75 2.59
N ASP A 90 11.30 14.72 3.14
CA ASP A 90 10.90 14.73 4.52
C ASP A 90 9.66 13.88 4.70
N GLY A 91 9.16 13.19 3.68
CA GLY A 91 7.96 12.39 3.79
C GLY A 91 6.70 13.18 3.81
N LYS A 92 6.77 14.48 3.51
CA LYS A 92 5.52 15.29 3.57
C LYS A 92 5.10 15.78 2.19
N GLY A 93 3.79 15.94 1.98
CA GLY A 93 3.25 16.48 0.74
C GLY A 93 1.91 17.15 0.93
N GLN A 94 1.52 17.87 -0.08
CA GLN A 94 0.29 18.65 -0.10
C GLN A 94 -0.82 17.90 -0.83
N ALA A 95 -2.06 18.21 -0.43
CA ALA A 95 -3.25 17.65 -1.05
C ALA A 95 -3.18 17.71 -2.54
N SER A 96 -2.83 18.90 -3.09
CA SER A 96 -2.96 19.04 -4.53
C SER A 96 -2.02 18.11 -5.28
N TRP A 97 -0.82 17.87 -4.74
CA TRP A 97 0.14 16.98 -5.38
C TRP A 97 -0.39 15.54 -5.38
N ILE A 98 -1.00 15.15 -4.28
CA ILE A 98 -1.63 13.83 -4.19
C ILE A 98 -2.71 13.65 -5.23
N ILE A 99 -3.56 14.68 -5.33
CA ILE A 99 -4.60 14.70 -6.36
C ILE A 99 -4.00 14.53 -7.73
N ASN A 100 -2.96 15.29 -8.02
CA ASN A 100 -2.34 15.18 -9.35
C ASN A 100 -1.82 13.77 -9.60
N GLY A 101 -1.30 13.13 -8.57
CA GLY A 101 -0.84 11.76 -8.70
C GLY A 101 -1.99 10.78 -8.96
N ILE A 102 -3.08 10.96 -8.25
CA ILE A 102 -4.28 10.12 -8.47
C ILE A 102 -4.78 10.30 -9.88
N GLU A 103 -4.87 11.56 -10.32
CA GLU A 103 -5.36 11.88 -11.69
CA GLU A 103 -5.33 11.87 -11.60
C GLU A 103 -4.45 11.22 -12.73
N TRP A 104 -3.13 11.29 -12.52
CA TRP A 104 -2.18 10.66 -13.44
C TRP A 104 -2.42 9.18 -13.48
N ALA A 105 -2.64 8.56 -12.34
CA ALA A 105 -2.87 7.12 -12.26
C ALA A 105 -4.11 6.74 -13.05
N ILE A 106 -5.19 7.51 -12.93
CA ILE A 106 -6.40 7.24 -13.72
C ILE A 106 -6.07 7.41 -15.23
N ALA A 107 -5.40 8.48 -15.60
CA ALA A 107 -5.12 8.77 -17.03
C ALA A 107 -4.27 7.67 -17.61
N ASN A 108 -3.42 7.03 -16.81
CA ASN A 108 -2.46 6.04 -17.25
C ASN A 108 -2.92 4.61 -16.95
N ASN A 109 -4.18 4.42 -16.63
CA ASN A 109 -4.79 3.08 -16.56
C ASN A 109 -4.16 2.22 -15.49
N MET A 110 -3.80 2.80 -14.36
CA MET A 110 -3.33 1.97 -13.24
C MET A 110 -4.42 1.04 -12.76
N ASP A 111 -4.03 -0.16 -12.33
CA ASP A 111 -4.95 -1.10 -11.73
C ASP A 111 -5.06 -0.92 -10.21
N VAL A 112 -3.97 -0.53 -9.57
CA VAL A 112 -3.89 -0.43 -8.13
C VAL A 112 -3.15 0.88 -7.82
N ILE A 113 -3.60 1.59 -6.80
CA ILE A 113 -2.89 2.73 -6.21
C ILE A 113 -2.56 2.38 -4.77
N ASN A 114 -1.31 2.59 -4.39
CA ASN A 114 -0.89 2.51 -2.98
C ASN A 114 -0.54 3.88 -2.47
N MET A 115 -1.18 4.27 -1.37
CA MET A 115 -0.90 5.54 -0.66
C MET A 115 -0.52 5.26 0.79
N SER A 116 0.78 5.12 1.02
CA SER A 116 1.33 4.87 2.36
C SER A 116 1.52 6.19 3.08
N LEU A 117 0.46 6.96 3.24
CA LEU A 117 0.53 8.37 3.69
C LEU A 117 -0.78 8.71 4.33
N GLY A 118 -0.77 9.76 5.16
CA GLY A 118 -1.99 10.15 5.82
C GLY A 118 -1.90 11.53 6.43
N SER A 119 -3.08 12.07 6.67
CA SER A 119 -3.29 13.31 7.40
C SER A 119 -4.35 13.09 8.43
N PRO A 120 -4.31 13.76 9.60
CA PRO A 120 -5.41 13.66 10.55
C PRO A 120 -6.65 14.33 10.07
N SER A 121 -6.50 15.31 9.19
N SER A 121 -6.54 15.26 9.14
CA SER A 121 -7.60 16.04 8.60
CA SER A 121 -7.64 16.12 8.78
C SER A 121 -7.74 15.79 7.06
C SER A 121 -8.15 15.89 7.34
N GLY A 122 -9.00 15.66 6.68
N GLY A 122 -7.31 15.52 6.38
CA GLY A 122 -9.24 15.25 5.31
CA GLY A 122 -8.04 15.21 5.14
C GLY A 122 -9.19 16.44 4.39
C GLY A 122 -8.48 16.43 4.34
N SER A 123 -8.94 16.17 3.12
CA SER A 123 -9.22 17.12 2.07
C SER A 123 -10.45 16.70 1.31
N ALA A 124 -11.40 17.61 1.13
CA ALA A 124 -12.60 17.34 0.32
C ALA A 124 -12.15 17.10 -1.16
N ALA A 125 -11.11 17.74 -1.60
CA ALA A 125 -10.66 17.58 -3.00
C ALA A 125 -9.98 16.21 -3.18
N VAL A 126 -9.21 15.78 -2.20
CA VAL A 126 -8.65 14.40 -2.25
C VAL A 126 -9.78 13.40 -2.18
N LYS A 127 -10.78 13.59 -1.36
CA LYS A 127 -11.88 12.64 -1.32
C LYS A 127 -12.49 12.51 -2.72
N ALA A 128 -12.70 13.64 -3.39
CA ALA A 128 -13.30 13.61 -4.75
C ALA A 128 -12.40 12.78 -5.68
N ALA A 129 -11.09 13.01 -5.63
CA ALA A 129 -10.15 12.28 -6.52
C ALA A 129 -10.11 10.78 -6.23
N VAL A 130 -10.05 10.38 -4.94
CA VAL A 130 -10.01 8.92 -4.61
C VAL A 130 -11.34 8.27 -5.01
N ASP A 131 -12.45 8.97 -4.77
CA ASP A 131 -13.79 8.43 -5.12
C ASP A 131 -13.84 8.23 -6.64
N LYS A 132 -13.32 9.18 -7.41
CA LYS A 132 -13.32 9.04 -8.86
C LYS A 132 -12.42 7.88 -9.29
N ALA A 133 -11.25 7.70 -8.67
CA ALA A 133 -10.39 6.59 -9.04
C ALA A 133 -11.11 5.27 -8.81
N VAL A 134 -11.77 5.12 -7.67
CA VAL A 134 -12.50 3.88 -7.38
C VAL A 134 -13.65 3.74 -8.37
N ALA A 135 -14.38 4.78 -8.68
CA ALA A 135 -15.51 4.67 -9.64
C ALA A 135 -15.00 4.24 -11.00
N SER A 136 -13.76 4.61 -11.32
CA SER A 136 -13.14 4.29 -12.63
CA SER A 136 -13.09 4.29 -12.61
C SER A 136 -12.61 2.86 -12.63
N GLY A 137 -12.57 2.19 -11.49
CA GLY A 137 -12.14 0.78 -11.47
C GLY A 137 -10.84 0.52 -10.76
N VAL A 138 -10.17 1.51 -10.19
CA VAL A 138 -8.86 1.32 -9.57
C VAL A 138 -9.06 0.77 -8.14
N VAL A 139 -8.23 -0.21 -7.74
CA VAL A 139 -8.13 -0.65 -6.35
C VAL A 139 -7.25 0.35 -5.59
N VAL A 140 -7.83 1.09 -4.66
CA VAL A 140 -7.09 2.12 -3.92
C VAL A 140 -6.85 1.64 -2.48
N VAL A 141 -5.59 1.53 -2.12
CA VAL A 141 -5.13 1.00 -0.85
C VAL A 141 -4.34 2.08 -0.12
N ALA A 142 -4.59 2.24 1.16
CA ALA A 142 -3.84 3.23 1.95
C ALA A 142 -3.47 2.69 3.31
N ALA A 143 -2.37 3.21 3.81
CA ALA A 143 -1.99 3.02 5.21
C ALA A 143 -3.06 3.58 6.10
N ALA A 144 -3.43 2.83 7.16
CA ALA A 144 -4.47 3.31 8.06
C ALA A 144 -4.02 4.46 8.95
N GLY A 145 -2.71 4.62 9.12
CA GLY A 145 -2.18 5.64 9.99
C GLY A 145 -1.34 5.06 11.11
N ASN A 146 -0.43 5.87 11.62
CA ASN A 146 0.47 5.49 12.73
C ASN A 146 0.15 6.33 13.98
N SER A 147 -1.15 6.57 14.21
CA SER A 147 -1.57 7.44 15.29
C SER A 147 -2.10 6.68 16.48
N GLY A 148 -1.76 5.41 16.59
CA GLY A 148 -2.05 4.68 17.81
C GLY A 148 -3.53 4.72 18.10
N THR A 149 -3.85 4.85 19.37
CA THR A 149 -5.21 4.87 19.83
C THR A 149 -5.55 6.21 20.48
N SER A 150 -6.86 6.43 20.60
CA SER A 150 -7.40 7.63 21.25
C SER A 150 -8.73 7.29 21.89
N GLY A 151 -8.70 6.38 22.86
CA GLY A 151 -9.93 5.97 23.55
C GLY A 151 -10.91 5.34 22.59
N SER A 152 -12.12 5.90 22.53
CA SER A 152 -13.13 5.40 21.60
C SER A 152 -13.10 6.14 20.25
N SER A 153 -12.21 7.09 20.06
CA SER A 153 -12.16 7.85 18.81
C SER A 153 -11.44 7.07 17.73
N SER A 154 -11.86 7.25 16.50
CA SER A 154 -11.07 6.76 15.37
C SER A 154 -9.77 7.56 15.28
N THR A 155 -8.69 6.89 14.96
CA THR A 155 -7.42 7.50 14.65
C THR A 155 -6.99 7.19 13.23
N VAL A 156 -7.88 6.58 12.45
CA VAL A 156 -7.54 6.27 11.03
C VAL A 156 -7.31 7.58 10.28
N THR A 157 -6.16 7.70 9.62
CA THR A 157 -5.79 8.94 8.86
C THR A 157 -6.49 8.97 7.50
N TYR A 158 -6.58 10.17 6.92
CA TYR A 158 -7.13 10.37 5.56
C TYR A 158 -5.97 10.24 4.57
N PRO A 159 -6.13 9.58 3.40
CA PRO A 159 -7.45 9.21 2.86
C PRO A 159 -7.94 7.80 3.25
N ALA A 160 -7.17 7.07 4.07
CA ALA A 160 -7.55 5.70 4.48
C ALA A 160 -8.94 5.70 5.13
N LYS A 161 -9.35 6.80 5.74
CA LYS A 161 -10.63 6.90 6.47
C LYS A 161 -11.81 6.95 5.51
N TYR A 162 -11.65 7.26 4.26
CA TYR A 162 -12.81 7.29 3.38
C TYR A 162 -13.34 5.94 3.06
N PRO A 163 -14.66 5.77 2.94
CA PRO A 163 -15.20 4.48 2.60
C PRO A 163 -14.65 3.85 1.33
N SER A 164 -14.32 4.65 0.31
CA SER A 164 -13.90 4.10 -0.96
C SER A 164 -12.50 3.49 -0.91
N VAL A 165 -11.71 3.80 0.09
CA VAL A 165 -10.30 3.39 0.19
C VAL A 165 -10.18 2.23 1.15
N ILE A 166 -9.36 1.24 0.80
CA ILE A 166 -9.04 0.14 1.71
C ILE A 166 -8.03 0.63 2.73
N ALA A 167 -8.43 0.62 4.00
CA ALA A 167 -7.60 1.08 5.12
C ALA A 167 -6.88 -0.09 5.73
N VAL A 168 -5.54 -0.05 5.72
CA VAL A 168 -4.70 -1.21 6.13
C VAL A 168 -3.92 -0.87 7.39
N GLY A 169 -4.22 -1.60 8.47
CA GLY A 169 -3.47 -1.51 9.68
C GLY A 169 -2.30 -2.50 9.70
N ALA A 170 -1.49 -2.40 10.75
CA ALA A 170 -0.25 -3.18 10.84
C ALA A 170 -0.28 -4.14 12.00
N VAL A 171 0.10 -5.39 11.72
CA VAL A 171 0.43 -6.37 12.75
C VAL A 171 1.93 -6.65 12.69
N ASP A 172 2.43 -7.20 13.80
CA ASP A 172 3.79 -7.76 13.86
C ASP A 172 3.79 -9.20 13.40
N SER A 173 4.95 -9.85 13.49
CA SER A 173 5.07 -11.23 13.01
C SER A 173 4.32 -12.24 13.86
N SER A 174 3.83 -11.81 15.03
CA SER A 174 2.95 -12.61 15.89
C SER A 174 1.46 -12.32 15.66
N ASN A 175 1.12 -11.54 14.63
CA ASN A 175 -0.27 -11.18 14.37
C ASN A 175 -0.88 -10.36 15.47
N GLN A 176 -0.07 -9.65 16.22
CA GLN A 176 -0.57 -8.69 17.21
CA GLN A 176 -0.51 -8.69 17.24
C GLN A 176 -0.54 -7.32 16.60
N ARG A 177 -1.58 -6.54 16.88
CA ARG A 177 -1.65 -5.15 16.37
C ARG A 177 -0.40 -4.38 16.84
N ALA A 178 0.30 -3.72 15.92
CA ALA A 178 1.45 -2.91 16.30
C ALA A 178 0.96 -1.73 17.13
N PRO A 179 1.75 -1.29 18.15
CA PRO A 179 1.29 -0.20 19.00
C PRO A 179 0.93 1.07 18.27
N PHE A 180 1.60 1.33 17.16
CA PHE A 180 1.38 2.54 16.37
C PHE A 180 0.15 2.47 15.47
N SER A 181 -0.38 1.29 15.18
CA SER A 181 -1.34 1.15 14.10
C SER A 181 -2.67 1.84 14.48
N SER A 182 -3.15 2.72 13.62
CA SER A 182 -4.38 3.45 13.85
C SER A 182 -5.57 2.48 13.93
N VAL A 183 -6.63 2.97 14.58
CA VAL A 183 -7.79 2.16 14.95
C VAL A 183 -9.07 2.91 14.63
N GLY A 184 -10.15 2.17 14.52
CA GLY A 184 -11.47 2.75 14.30
C GLY A 184 -12.30 1.89 13.41
N PRO A 185 -13.59 2.25 13.27
CA PRO A 185 -14.48 1.43 12.44
C PRO A 185 -14.13 1.45 10.95
N GLU A 186 -13.32 2.43 10.55
CA GLU A 186 -12.90 2.63 9.13
C GLU A 186 -11.78 1.67 8.78
N LEU A 187 -11.24 1.02 9.69
CA LEU A 187 -10.13 -0.02 9.50
CA LEU A 187 -10.11 0.01 9.43
C LEU A 187 -10.63 -1.18 8.75
N ASP A 188 -10.08 -1.66 7.66
CA ASP A 188 -10.60 -2.78 6.86
C ASP A 188 -9.86 -4.09 7.14
N VAL A 189 -8.55 -4.10 6.94
CA VAL A 189 -7.73 -5.29 7.06
C VAL A 189 -6.41 -4.93 7.69
N MET A 190 -5.68 -5.95 8.08
CA MET A 190 -4.32 -5.83 8.60
C MET A 190 -3.34 -6.54 7.69
N ALA A 191 -2.10 -6.09 7.75
CA ALA A 191 -1.01 -6.78 7.07
C ALA A 191 0.25 -6.54 7.85
N PRO A 192 1.31 -7.31 7.57
CA PRO A 192 2.58 -7.14 8.29
C PRO A 192 3.16 -5.73 8.11
N GLY A 193 3.55 -5.14 9.24
CA GLY A 193 4.10 -3.79 9.19
C GLY A 193 5.17 -3.47 10.20
N VAL A 194 5.75 -4.50 10.83
CA VAL A 194 6.79 -4.27 11.84
C VAL A 194 8.08 -4.88 11.36
N SER A 195 9.12 -4.08 11.26
CA SER A 195 10.48 -4.57 10.92
CA SER A 195 10.48 -4.55 10.93
C SER A 195 10.47 -5.35 9.64
N ILE A 196 9.93 -4.74 8.58
CA ILE A 196 9.86 -5.36 7.25
C ILE A 196 11.12 -5.00 6.49
N CYS A 197 11.89 -6.00 6.07
CA CYS A 197 13.11 -5.75 5.27
C CYS A 197 12.75 -5.61 3.79
N SER A 198 13.20 -4.56 3.19
CA SER A 198 12.99 -4.29 1.77
C SER A 198 14.10 -3.41 1.24
N THR A 199 13.97 -3.01 -0.01
CA THR A 199 14.93 -2.20 -0.73
C THR A 199 14.97 -0.77 -0.20
N LEU A 200 16.18 -0.19 -0.18
CA LEU A 200 16.38 1.21 0.18
C LEU A 200 17.24 1.89 -0.89
N PRO A 201 17.14 3.21 -1.00
CA PRO A 201 17.91 3.90 -2.06
C PRO A 201 19.39 3.59 -1.99
N GLY A 202 20.00 3.66 -3.18
CA GLY A 202 21.43 3.42 -3.31
C GLY A 202 21.79 1.97 -3.27
N GLY A 203 20.90 1.10 -3.68
CA GLY A 203 21.22 -0.32 -3.75
C GLY A 203 21.29 -0.97 -2.39
N LYS A 204 20.61 -0.45 -1.41
CA LYS A 204 20.67 -0.90 -0.02
C LYS A 204 19.40 -1.67 0.33
N TYR A 205 19.37 -2.10 1.58
CA TYR A 205 18.28 -2.89 2.14
C TYR A 205 18.17 -2.56 3.62
N GLY A 206 16.98 -2.69 4.17
CA GLY A 206 16.84 -2.54 5.61
C GLY A 206 15.40 -2.67 6.04
N ALA A 207 15.22 -2.78 7.35
CA ALA A 207 13.93 -2.90 7.96
C ALA A 207 13.32 -1.57 8.27
N LEU A 208 12.03 -1.44 8.00
CA LEU A 208 11.23 -0.27 8.40
C LEU A 208 9.92 -0.78 9.00
N SER A 209 9.27 0.09 9.77
CA SER A 209 7.98 -0.23 10.39
C SER A 209 6.98 0.86 10.09
N GLY A 210 5.73 0.51 10.02
CA GLY A 210 4.64 1.48 9.87
C GLY A 210 3.49 0.86 9.13
N THR A 211 2.33 1.52 9.20
CA THR A 211 1.24 1.14 8.30
C THR A 211 1.62 1.39 6.86
N SER A 212 2.63 2.23 6.62
CA SER A 212 3.23 2.37 5.27
CA SER A 212 3.21 2.36 5.28
C SER A 212 3.76 1.05 4.72
N MET A 213 4.20 0.16 5.60
CA MET A 213 4.74 -1.15 5.20
CA MET A 213 4.74 -1.17 5.24
C MET A 213 3.63 -2.18 5.04
N ALA A 214 2.53 -2.01 5.77
CA ALA A 214 1.39 -2.91 5.68
C ALA A 214 0.65 -2.72 4.36
N SER A 215 0.40 -1.45 4.00
CA SER A 215 -0.35 -1.12 2.78
C SER A 215 0.18 -1.85 1.54
N PRO A 216 1.49 -1.83 1.23
CA PRO A 216 1.94 -2.48 0.00
C PRO A 216 1.80 -3.99 0.01
N HIS A 217 1.72 -4.63 1.19
CA HIS A 217 1.38 -6.06 1.20
C HIS A 217 -0.01 -6.27 0.58
N VAL A 218 -0.93 -5.38 0.89
CA VAL A 218 -2.31 -5.45 0.38
C VAL A 218 -2.34 -5.02 -1.11
N ALA A 219 -1.59 -4.01 -1.48
CA ALA A 219 -1.49 -3.65 -2.92
C ALA A 219 -0.94 -4.82 -3.72
N GLY A 220 0.13 -5.45 -3.21
CA GLY A 220 0.68 -6.61 -3.89
C GLY A 220 -0.30 -7.77 -3.92
N ALA A 221 -1.06 -7.97 -2.84
CA ALA A 221 -2.08 -9.01 -2.82
C ALA A 221 -3.12 -8.77 -3.88
N ALA A 222 -3.55 -7.51 -4.05
CA ALA A 222 -4.48 -7.16 -5.10
C ALA A 222 -3.95 -7.55 -6.45
N ALA A 223 -2.65 -7.31 -6.69
CA ALA A 223 -2.04 -7.68 -7.96
C ALA A 223 -2.04 -9.21 -8.16
N LEU A 224 -1.74 -9.97 -7.11
CA LEU A 224 -1.80 -11.41 -7.20
C LEU A 224 -3.20 -11.84 -7.57
N ILE A 225 -4.20 -11.31 -6.89
CA ILE A 225 -5.62 -11.67 -7.14
C ILE A 225 -5.99 -11.34 -8.59
N LEU A 226 -5.62 -10.16 -9.05
CA LEU A 226 -5.95 -9.79 -10.43
C LEU A 226 -5.25 -10.70 -11.42
N SER A 227 -4.05 -11.19 -11.14
CA SER A 227 -3.42 -12.09 -12.08
C SER A 227 -4.19 -13.42 -12.15
N LYS A 228 -4.77 -13.87 -11.06
CA LYS A 228 -5.61 -15.08 -11.09
C LYS A 228 -6.99 -14.80 -11.64
N HIS A 229 -7.49 -13.59 -11.45
CA HIS A 229 -8.85 -13.21 -11.79
C HIS A 229 -8.84 -11.85 -12.48
N PRO A 230 -8.32 -11.79 -13.74
CA PRO A 230 -8.10 -10.50 -14.36
C PRO A 230 -9.40 -9.82 -14.71
N ASN A 231 -10.50 -10.57 -14.74
CA ASN A 231 -11.84 -10.04 -14.97
C ASN A 231 -12.53 -9.48 -13.72
N TRP A 232 -11.97 -9.68 -12.55
CA TRP A 232 -12.64 -9.12 -11.34
C TRP A 232 -12.56 -7.61 -11.35
N THR A 233 -13.62 -6.98 -10.89
CA THR A 233 -13.63 -5.56 -10.62
C THR A 233 -12.84 -5.28 -9.32
N ASN A 234 -12.53 -4.00 -9.16
CA ASN A 234 -11.99 -3.54 -7.88
C ASN A 234 -12.93 -3.93 -6.73
N THR A 235 -14.25 -3.81 -6.94
CA THR A 235 -15.23 -4.18 -5.90
C THR A 235 -15.02 -5.64 -5.47
N GLN A 236 -14.85 -6.52 -6.48
CA GLN A 236 -14.66 -7.93 -6.22
C GLN A 236 -13.33 -8.21 -5.56
N VAL A 237 -12.27 -7.56 -5.98
CA VAL A 237 -10.97 -7.73 -5.33
C VAL A 237 -11.08 -7.34 -3.88
N ARG A 238 -11.62 -6.16 -3.60
CA ARG A 238 -11.76 -5.70 -2.23
C ARG A 238 -12.59 -6.65 -1.39
N SER A 239 -13.72 -7.07 -1.92
CA SER A 239 -14.58 -8.03 -1.21
CA SER A 239 -14.56 -7.99 -1.15
C SER A 239 -13.81 -9.31 -0.87
N SER A 240 -13.07 -9.82 -1.83
CA SER A 240 -12.30 -11.06 -1.62
CA SER A 240 -12.41 -11.08 -1.54
C SER A 240 -11.38 -10.90 -0.42
N LEU A 241 -10.64 -9.80 -0.40
CA LEU A 241 -9.65 -9.57 0.66
C LEU A 241 -10.32 -9.44 2.00
N GLU A 242 -11.41 -8.66 2.07
CA GLU A 242 -12.08 -8.43 3.36
C GLU A 242 -12.81 -9.66 3.84
N ASN A 243 -13.50 -10.36 2.95
CA ASN A 243 -14.36 -11.46 3.36
C ASN A 243 -13.58 -12.71 3.68
N THR A 244 -12.35 -12.85 3.28
CA THR A 244 -11.53 -14.04 3.56
C THR A 244 -10.41 -13.80 4.54
N ALA A 245 -10.36 -12.61 5.14
CA ALA A 245 -9.31 -12.29 6.10
C ALA A 245 -9.42 -13.19 7.32
N THR A 246 -8.27 -13.42 7.96
CA THR A 246 -8.18 -14.21 9.19
C THR A 246 -8.51 -13.29 10.37
N LYS A 247 -9.61 -13.56 11.06
CA LYS A 247 -10.03 -12.70 12.17
CA LYS A 247 -10.06 -12.72 12.18
C LYS A 247 -8.98 -12.76 13.28
N LEU A 248 -8.70 -11.59 13.84
CA LEU A 248 -7.67 -11.47 14.88
C LEU A 248 -8.20 -10.83 16.17
N GLY A 249 -9.42 -10.40 16.25
CA GLY A 249 -9.94 -9.72 17.43
C GLY A 249 -10.90 -8.67 17.00
N ASP A 250 -11.18 -7.80 17.95
CA ASP A 250 -12.21 -6.79 17.78
C ASP A 250 -11.89 -5.95 16.53
N SER A 251 -12.87 -5.78 15.68
CA SER A 251 -12.70 -5.04 14.44
C SER A 251 -12.28 -3.59 14.63
N PHE A 252 -12.54 -3.00 15.78
CA PHE A 252 -12.04 -1.63 16.02
C PHE A 252 -10.52 -1.58 15.89
N TYR A 253 -9.87 -2.65 16.32
CA TYR A 253 -8.41 -2.72 16.36
C TYR A 253 -7.79 -3.45 15.17
N TYR A 254 -8.56 -4.39 14.58
CA TYR A 254 -8.04 -5.31 13.56
C TYR A 254 -8.83 -5.31 12.27
N GLY A 255 -9.90 -4.55 12.16
CA GLY A 255 -10.76 -4.71 11.00
C GLY A 255 -11.21 -6.13 10.86
N LYS A 256 -11.28 -6.61 9.62
CA LYS A 256 -11.63 -8.02 9.35
C LYS A 256 -10.52 -8.95 9.68
N GLY A 257 -9.33 -8.48 9.95
CA GLY A 257 -8.20 -9.33 10.32
C GLY A 257 -7.12 -9.29 9.24
N LEU A 258 -6.24 -10.27 9.35
CA LEU A 258 -5.05 -10.38 8.49
C LEU A 258 -5.47 -10.88 7.11
N ILE A 259 -4.99 -10.17 6.08
CA ILE A 259 -5.30 -10.67 4.72
C ILE A 259 -4.70 -12.05 4.55
N ASN A 260 -5.44 -12.84 3.76
CA ASN A 260 -5.04 -14.20 3.38
C ASN A 260 -5.24 -14.27 1.87
N VAL A 261 -4.13 -14.07 1.15
CA VAL A 261 -4.32 -13.92 -0.31
CA VAL A 261 -4.26 -13.98 -0.33
C VAL A 261 -4.67 -15.31 -0.92
N GLU A 262 -4.23 -16.38 -0.34
CA GLU A 262 -4.59 -17.73 -0.82
C GLU A 262 -6.10 -17.88 -0.75
N ALA A 263 -6.72 -17.55 0.35
CA ALA A 263 -8.18 -17.66 0.45
C ALA A 263 -8.85 -16.65 -0.46
N ALA A 264 -8.33 -15.43 -0.51
CA ALA A 264 -9.00 -14.37 -1.29
C ALA A 264 -9.05 -14.76 -2.77
N ALA A 265 -8.00 -15.36 -3.26
CA ALA A 265 -7.91 -15.69 -4.68
C ALA A 265 -8.59 -16.99 -5.03
N GLN A 266 -9.18 -17.65 -4.02
CA GLN A 266 -9.91 -18.95 -4.14
C GLN A 266 -8.95 -20.08 -4.53
N TYR B 1 0.16 16.12 4.64
CA TYR B 1 0.17 14.64 4.61
C TYR B 1 1.57 14.19 4.90
N SER B 2 1.71 13.10 5.65
CA SER B 2 3.00 12.54 6.00
CA SER B 2 3.01 12.52 6.00
C SER B 2 3.04 11.06 5.65
N ALA B 3 4.22 10.59 5.32
CA ALA B 3 4.49 9.17 5.25
C ALA B 3 4.13 8.49 6.54
N MET B 4 3.52 7.33 6.43
CA MET B 4 3.25 6.45 7.55
C MET B 4 4.36 5.38 7.75
NA NA C . -11.51 3.53 4.02
NA NA D . 10.02 7.92 3.50
NA NA D . 9.11 9.31 3.68
CL CL E . -7.69 13.22 2.29
C1 EDO F . -9.02 0.91 -13.74
O1 EDO F . -9.76 -0.27 -14.04
C2 EDO F . -8.08 1.13 -14.86
O2 EDO F . -7.38 2.31 -14.57
C1 EDO G . 16.47 8.94 -13.00
O1 EDO G . 16.18 8.24 -14.40
C2 EDO G . 17.85 8.67 -12.95
O2 EDO G . 18.12 8.83 -11.55
C1 EDO H . 7.96 -9.15 17.52
C1 EDO H . 8.36 -8.87 17.62
O1 EDO H . 6.82 -10.11 17.27
O1 EDO H . 9.09 -9.86 16.89
C2 EDO H . 7.97 -8.09 16.50
C2 EDO H . 8.04 -7.70 16.77
O2 EDO H . 9.29 -7.59 16.28
O2 EDO H . 8.88 -7.47 15.65
C1 EDO I . -4.55 -3.58 21.79
O1 EDO I . -4.86 -2.23 22.39
C2 EDO I . -3.83 -3.46 20.54
O2 EDO I . -2.46 -4.02 20.50
C1 PEG J . -15.01 -13.88 -0.90
O1 PEG J . -15.53 -15.17 -0.76
C2 PEG J . -15.90 -12.86 -1.50
O2 PEG J . -15.55 -12.73 -2.88
C3 PEG J . -16.11 -11.58 -3.53
C4 PEG J . -15.24 -11.20 -4.74
O4 PEG J . -14.91 -12.32 -5.51
#